data_4OVK
#
_entry.id   4OVK
#
_cell.length_a   53.146
_cell.length_b   58.872
_cell.length_c   113.751
_cell.angle_alpha   90.000
_cell.angle_beta   90.000
_cell.angle_gamma   90.000
#
_symmetry.space_group_name_H-M   'P 21 21 21'
#
loop_
_entity.id
_entity.type
_entity.pdbx_description
1 polymer 'Periplasmic binding protein'
2 non-polymer 'TRIETHYLENE GLYCOL'
3 water water
#
_entity_poly.entity_id   1
_entity_poly.type   'polypeptide(L)'
_entity_poly.pdbx_seq_one_letter_code
;SNAVGPNDITKDNIKVVTDLTGTDVS(MSE)KKEINRIAIVPIPWTSIVYAVDGSDKKIVGIHPSAKKSYEASIFKTLAP
DLENVNSSFVDNNFNVNFEEVAKLKPDVVIIWDYQPEVAKKLKELGIPAVSIKYGTLEDIQNGIRLLGKILDKPEQAEAL
ISYHKDSEAYFKQKNASALPNKPKVLYLQNKNLTVAGNNSVNQL(MSE)IT(MSE)TGGENAAKDTKGSWTKVS(MSE)E
EI(MSE)TWDPDIIILSNFDSIRPDDIYQDKLEGQNWSNIKAVKTHRVYKAP(MSE)GIYRWDAPNVETPL(MSE)
(MSE)KW(MSE)GQLIQPDTFNDYILRDDLKQFYNTFYHYNLTDSEINTILNISINNTPTF
;
_entity_poly.pdbx_strand_id   A
#
loop_
_chem_comp.id
_chem_comp.type
_chem_comp.name
_chem_comp.formula
PGE non-polymer 'TRIETHYLENE GLYCOL' 'C6 H14 O4'
#
# COMPACT_ATOMS: atom_id res chain seq x y z
N ASN A 13 -33.88 5.01 -10.01
CA ASN A 13 -33.09 5.82 -9.05
C ASN A 13 -32.23 5.03 -8.06
N ILE A 14 -32.49 3.72 -7.94
CA ILE A 14 -31.82 2.86 -6.94
C ILE A 14 -31.06 1.71 -7.60
N LYS A 15 -29.93 1.32 -7.02
CA LYS A 15 -29.25 0.07 -7.41
C LYS A 15 -28.87 -0.74 -6.19
N VAL A 16 -28.61 -2.03 -6.40
CA VAL A 16 -28.25 -2.95 -5.34
C VAL A 16 -26.87 -3.54 -5.64
N VAL A 17 -25.96 -3.40 -4.69
CA VAL A 17 -24.62 -3.91 -4.82
C VAL A 17 -24.39 -4.92 -3.71
N THR A 18 -23.72 -6.01 -4.04
CA THR A 18 -23.37 -7.01 -3.04
C THR A 18 -21.95 -6.72 -2.57
N ASP A 19 -21.78 -6.51 -1.25
CA ASP A 19 -20.45 -6.19 -0.70
C ASP A 19 -19.66 -7.47 -0.37
N LEU A 20 -18.51 -7.30 0.27
CA LEU A 20 -17.57 -8.41 0.45
C LEU A 20 -18.01 -9.40 1.54
N THR A 21 -19.03 -9.04 2.30
CA THR A 21 -19.64 -9.94 3.28
C THR A 21 -20.85 -10.68 2.70
N GLY A 22 -21.16 -10.39 1.44
CA GLY A 22 -22.34 -10.97 0.80
C GLY A 22 -23.63 -10.25 1.15
N THR A 23 -23.51 -9.06 1.73
CA THR A 23 -24.67 -8.25 2.09
C THR A 23 -25.10 -7.42 0.88
N ASP A 24 -26.39 -7.48 0.55
CA ASP A 24 -26.95 -6.66 -0.53
C ASP A 24 -27.27 -5.27 0.01
N VAL A 25 -26.69 -4.25 -0.61
CA VAL A 25 -26.82 -2.87 -0.14
C VAL A 25 -27.47 -2.03 -1.22
N SER A 26 -28.62 -1.43 -0.90
CA SER A 26 -29.31 -0.49 -1.80
C SER A 26 -28.70 0.90 -1.66
N MSE A 27 -28.58 1.59 -2.80
CA MSE A 27 -28.01 2.94 -2.83
C MSE A 27 -28.48 3.61 -4.10
O MSE A 27 -29.07 2.97 -4.98
CB MSE A 27 -26.48 2.87 -2.76
CG MSE A 27 -25.87 2.19 -3.98
SE MSE A 27 -23.92 1.97 -3.78
CE MSE A 27 -23.99 0.64 -2.34
N LYS A 28 -28.24 4.91 -4.22
CA LYS A 28 -28.58 5.64 -5.43
C LYS A 28 -27.82 5.06 -6.62
N LYS A 29 -28.47 5.05 -7.78
CA LYS A 29 -27.84 4.56 -9.01
C LYS A 29 -26.61 5.41 -9.33
N GLU A 30 -26.75 6.72 -9.15
CA GLU A 30 -25.68 7.69 -9.36
C GLU A 30 -25.08 8.09 -8.00
N ILE A 31 -23.85 7.64 -7.75
CA ILE A 31 -23.14 7.91 -6.50
C ILE A 31 -22.22 9.08 -6.74
N ASN A 32 -22.43 10.15 -5.98
CA ASN A 32 -21.65 11.36 -6.14
C ASN A 32 -20.82 11.74 -4.91
N ARG A 33 -21.12 11.15 -3.75
CA ARG A 33 -20.50 11.50 -2.47
C ARG A 33 -20.16 10.21 -1.71
N ILE A 34 -18.86 9.98 -1.52
N ILE A 34 -18.86 9.96 -1.52
CA ILE A 34 -18.40 8.78 -0.85
CA ILE A 34 -18.42 8.73 -0.89
C ILE A 34 -17.54 9.12 0.35
C ILE A 34 -17.51 9.05 0.31
N ALA A 35 -17.82 8.45 1.46
CA ALA A 35 -16.97 8.55 2.65
C ALA A 35 -16.28 7.20 2.90
N ILE A 36 -15.04 7.25 3.39
CA ILE A 36 -14.19 6.08 3.43
C ILE A 36 -13.54 5.93 4.79
N VAL A 37 -13.93 4.87 5.52
CA VAL A 37 -13.35 4.59 6.83
C VAL A 37 -11.95 3.94 6.76
N PRO A 38 -11.77 2.88 5.95
CA PRO A 38 -10.45 2.21 5.92
C PRO A 38 -9.36 3.13 5.38
N ILE A 39 -8.18 3.08 5.99
CA ILE A 39 -7.15 4.07 5.71
C ILE A 39 -6.62 4.00 4.25
N PRO A 40 -6.23 2.80 3.78
CA PRO A 40 -5.68 2.73 2.42
C PRO A 40 -6.72 2.92 1.29
N TRP A 41 -7.99 2.80 1.64
CA TRP A 41 -9.04 2.79 0.62
C TRP A 41 -9.38 4.16 0.04
N THR A 42 -8.88 5.24 0.64
CA THR A 42 -9.04 6.56 0.04
C THR A 42 -8.26 6.60 -1.27
N SER A 43 -7.00 6.16 -1.21
CA SER A 43 -6.19 6.09 -2.43
C SER A 43 -6.79 5.09 -3.45
N ILE A 44 -7.41 4.02 -2.97
CA ILE A 44 -7.98 3.04 -3.88
C ILE A 44 -9.24 3.58 -4.58
N VAL A 45 -10.10 4.28 -3.86
CA VAL A 45 -11.24 4.93 -4.51
C VAL A 45 -10.76 5.92 -5.56
N TYR A 46 -9.75 6.70 -5.22
CA TYR A 46 -9.16 7.62 -6.19
C TYR A 46 -8.71 6.89 -7.47
N ALA A 47 -8.03 5.76 -7.31
CA ALA A 47 -7.51 5.01 -8.43
C ALA A 47 -8.64 4.48 -9.34
N VAL A 48 -9.70 3.96 -8.74
CA VAL A 48 -10.80 3.41 -9.52
C VAL A 48 -11.55 4.52 -10.26
N ASP A 49 -11.81 5.65 -9.59
CA ASP A 49 -12.53 6.74 -10.21
C ASP A 49 -11.63 7.60 -11.09
N GLY A 50 -10.31 7.43 -10.98
CA GLY A 50 -9.35 8.30 -11.66
C GLY A 50 -9.47 9.75 -11.26
N SER A 51 -9.92 9.98 -10.02
CA SER A 51 -10.36 11.30 -9.60
C SER A 51 -10.67 11.29 -8.13
N ASP A 52 -10.45 12.42 -7.46
CA ASP A 52 -10.86 12.61 -6.08
C ASP A 52 -12.21 13.31 -5.96
N LYS A 53 -12.86 13.60 -7.08
CA LYS A 53 -14.01 14.50 -7.09
C LYS A 53 -15.22 14.06 -6.26
N LYS A 54 -15.40 12.74 -6.08
CA LYS A 54 -16.56 12.23 -5.34
C LYS A 54 -16.30 11.93 -3.87
N ILE A 55 -15.06 12.15 -3.41
CA ILE A 55 -14.69 11.78 -2.06
C ILE A 55 -15.06 12.90 -1.12
N VAL A 56 -15.86 12.61 -0.11
CA VAL A 56 -16.32 13.65 0.85
C VAL A 56 -15.92 13.37 2.30
N GLY A 57 -15.32 12.22 2.58
CA GLY A 57 -14.82 11.94 3.89
C GLY A 57 -13.76 10.87 3.88
N ILE A 58 -12.67 11.12 4.59
CA ILE A 58 -11.56 10.18 4.71
C ILE A 58 -11.07 10.06 6.15
N HIS A 59 -10.36 8.98 6.42
CA HIS A 59 -9.80 8.75 7.73
C HIS A 59 -8.67 9.77 8.00
N PRO A 60 -8.57 10.28 9.22
CA PRO A 60 -7.54 11.30 9.46
C PRO A 60 -6.12 10.81 9.15
N SER A 61 -5.86 9.53 9.37
CA SER A 61 -4.57 8.92 8.98
C SER A 61 -4.38 8.80 7.46
N ALA A 62 -5.46 8.65 6.72
CA ALA A 62 -5.42 8.77 5.27
C ALA A 62 -5.04 10.20 4.85
N LYS A 63 -5.54 11.21 5.56
N LYS A 63 -5.55 11.21 5.55
CA LYS A 63 -5.19 12.59 5.30
CA LYS A 63 -5.22 12.60 5.23
C LYS A 63 -3.70 12.79 5.60
C LYS A 63 -3.77 12.87 5.58
N LYS A 64 -3.26 12.31 6.76
N LYS A 64 -3.29 12.27 6.66
CA LYS A 64 -1.85 12.39 7.11
CA LYS A 64 -1.90 12.43 7.05
C LYS A 64 -0.97 11.84 5.98
C LYS A 64 -0.96 11.83 5.99
N SER A 65 -1.26 10.61 5.56
CA SER A 65 -0.50 9.96 4.46
C SER A 65 -0.57 10.76 3.16
N TYR A 66 -1.76 11.24 2.81
CA TYR A 66 -1.96 12.11 1.65
C TYR A 66 -0.98 13.30 1.62
N GLU A 67 -0.82 13.97 2.78
CA GLU A 67 0.00 15.16 2.86
C GLU A 67 1.46 14.82 2.58
N ALA A 68 1.85 13.59 2.88
CA ALA A 68 3.26 13.16 2.77
C ALA A 68 3.62 12.51 1.44
N SER A 69 2.68 12.36 0.54
N SER A 69 2.65 12.42 0.55
CA SER A 69 2.91 11.62 -0.68
CA SER A 69 2.70 11.59 -0.66
C SER A 69 2.55 12.39 -1.93
C SER A 69 2.55 12.41 -1.93
N ILE A 70 2.87 11.79 -3.07
CA ILE A 70 2.53 12.31 -4.40
C ILE A 70 1.01 12.47 -4.56
N PHE A 71 0.23 11.75 -3.75
CA PHE A 71 -1.23 11.88 -3.71
C PHE A 71 -1.64 13.35 -3.63
N LYS A 72 -0.94 14.13 -2.82
CA LYS A 72 -1.24 15.57 -2.67
C LYS A 72 -1.16 16.32 -4.01
N THR A 73 -0.19 15.95 -4.84
CA THR A 73 -0.06 16.54 -6.16
C THR A 73 -1.14 16.08 -7.12
N LEU A 74 -1.43 14.78 -7.09
CA LEU A 74 -2.47 14.22 -7.95
C LEU A 74 -3.86 14.76 -7.63
N ALA A 75 -4.13 15.02 -6.35
CA ALA A 75 -5.48 15.31 -5.88
C ALA A 75 -5.49 16.50 -4.93
N PRO A 76 -5.16 17.71 -5.43
CA PRO A 76 -5.11 18.90 -4.60
C PRO A 76 -6.42 19.19 -3.84
N ASP A 77 -7.56 18.83 -4.42
CA ASP A 77 -8.85 19.15 -3.79
C ASP A 77 -9.12 18.38 -2.46
N LEU A 78 -8.47 17.23 -2.26
CA LEU A 78 -8.66 16.47 -1.01
C LEU A 78 -8.19 17.21 0.22
N GLU A 79 -7.34 18.23 0.04
CA GLU A 79 -6.94 19.08 1.16
C GLU A 79 -8.15 19.55 1.98
N ASN A 80 -9.26 19.81 1.30
CA ASN A 80 -10.43 20.41 1.97
C ASN A 80 -11.51 19.40 2.33
N VAL A 81 -11.22 18.12 2.21
CA VAL A 81 -12.20 17.09 2.53
C VAL A 81 -12.30 16.89 4.04
N ASN A 82 -13.47 16.50 4.50
CA ASN A 82 -13.68 16.12 5.90
C ASN A 82 -12.84 14.91 6.28
N SER A 83 -12.09 15.03 7.38
CA SER A 83 -11.43 13.87 7.98
C SER A 83 -11.73 13.68 9.47
N SER A 84 -12.86 14.23 9.89
CA SER A 84 -13.25 14.22 11.30
C SER A 84 -14.32 13.20 11.64
N PHE A 85 -14.87 12.53 10.63
CA PHE A 85 -16.09 11.73 10.83
C PHE A 85 -15.81 10.35 11.46
N VAL A 86 -14.54 9.98 11.55
CA VAL A 86 -14.11 8.69 12.10
C VAL A 86 -12.78 8.89 12.86
N ASP A 87 -12.60 8.18 13.98
CA ASP A 87 -11.37 8.31 14.79
C ASP A 87 -10.36 7.18 14.50
N ASN A 88 -9.25 7.12 15.23
CA ASN A 88 -8.20 6.12 14.98
C ASN A 88 -8.56 4.70 15.33
N ASN A 89 -9.58 4.53 16.18
CA ASN A 89 -10.06 3.19 16.49
C ASN A 89 -11.24 2.84 15.59
N PHE A 90 -11.42 3.63 14.52
CA PHE A 90 -12.44 3.40 13.49
C PHE A 90 -13.89 3.59 14.00
N ASN A 91 -14.02 4.27 15.13
CA ASN A 91 -15.33 4.65 15.64
C ASN A 91 -15.90 5.80 14.86
N VAL A 92 -17.12 5.63 14.37
CA VAL A 92 -17.75 6.61 13.51
C VAL A 92 -18.55 7.62 14.34
N ASN A 93 -18.39 8.90 14.02
CA ASN A 93 -19.21 9.95 14.58
C ASN A 93 -20.48 10.05 13.71
N PHE A 94 -21.57 9.44 14.18
CA PHE A 94 -22.78 9.33 13.37
C PHE A 94 -23.46 10.67 13.11
N GLU A 95 -23.36 11.60 14.06
CA GLU A 95 -23.87 12.96 13.84
C GLU A 95 -23.16 13.63 12.65
N GLU A 96 -21.84 13.54 12.62
CA GLU A 96 -21.05 14.15 11.56
C GLU A 96 -21.36 13.55 10.17
N VAL A 97 -21.47 12.22 10.10
CA VAL A 97 -21.75 11.54 8.83
C VAL A 97 -23.13 11.91 8.31
N ALA A 98 -24.08 12.04 9.23
CA ALA A 98 -25.43 12.44 8.88
C ALA A 98 -25.47 13.85 8.28
N LYS A 99 -24.64 14.74 8.83
CA LYS A 99 -24.48 16.09 8.28
C LYS A 99 -23.81 16.05 6.90
N LEU A 100 -22.76 15.24 6.77
CA LEU A 100 -22.02 15.09 5.51
C LEU A 100 -22.86 14.52 4.34
N LYS A 101 -23.86 13.72 4.67
CA LYS A 101 -24.75 13.12 3.69
C LYS A 101 -24.01 12.43 2.55
N PRO A 102 -23.12 11.49 2.89
CA PRO A 102 -22.59 10.69 1.80
C PRO A 102 -23.68 9.78 1.22
N ASP A 103 -23.53 9.43 -0.04
CA ASP A 103 -24.38 8.45 -0.69
C ASP A 103 -23.99 7.03 -0.32
N VAL A 104 -22.74 6.84 0.13
CA VAL A 104 -22.30 5.52 0.59
C VAL A 104 -21.06 5.73 1.45
N VAL A 105 -20.92 4.87 2.45
CA VAL A 105 -19.75 4.82 3.30
C VAL A 105 -19.10 3.45 3.17
N ILE A 106 -17.79 3.45 2.99
N ILE A 106 -17.79 3.44 2.97
CA ILE A 106 -17.02 2.20 2.97
CA ILE A 106 -17.04 2.21 3.00
C ILE A 106 -16.59 1.96 4.42
C ILE A 106 -16.59 1.96 4.43
N ILE A 107 -16.92 0.78 4.94
CA ILE A 107 -16.55 0.37 6.29
C ILE A 107 -15.88 -1.00 6.27
N TRP A 108 -15.46 -1.47 7.44
CA TRP A 108 -14.86 -2.79 7.59
C TRP A 108 -15.92 -3.86 7.87
N ASP A 109 -15.61 -5.08 7.44
CA ASP A 109 -16.47 -6.25 7.69
C ASP A 109 -16.77 -6.49 9.18
N TYR A 110 -15.83 -6.13 10.05
CA TYR A 110 -16.01 -6.29 11.48
C TYR A 110 -16.81 -5.17 12.16
N GLN A 111 -17.48 -4.33 11.38
CA GLN A 111 -18.30 -3.23 11.91
C GLN A 111 -19.79 -3.35 11.55
N PRO A 112 -20.40 -4.53 11.77
CA PRO A 112 -21.80 -4.67 11.35
C PRO A 112 -22.75 -3.72 12.08
N GLU A 113 -22.44 -3.38 13.33
CA GLU A 113 -23.25 -2.43 14.10
C GLU A 113 -23.21 -1.02 13.48
N VAL A 114 -22.08 -0.66 12.87
CA VAL A 114 -21.95 0.61 12.14
C VAL A 114 -22.85 0.57 10.90
N ALA A 115 -22.78 -0.53 10.13
CA ALA A 115 -23.66 -0.70 8.97
C ALA A 115 -25.13 -0.51 9.34
N LYS A 116 -25.54 -1.17 10.43
CA LYS A 116 -26.93 -1.13 10.87
C LYS A 116 -27.38 0.28 11.28
N LYS A 117 -26.54 0.97 12.05
CA LYS A 117 -26.87 2.32 12.49
C LYS A 117 -26.91 3.27 11.30
N LEU A 118 -25.94 3.14 10.40
CA LEU A 118 -25.93 3.99 9.22
C LEU A 118 -27.23 3.80 8.41
N LYS A 119 -27.65 2.55 8.25
CA LYS A 119 -28.87 2.22 7.50
C LYS A 119 -30.08 2.88 8.16
N GLU A 120 -30.10 2.85 9.49
CA GLU A 120 -31.16 3.49 10.27
C GLU A 120 -31.18 5.02 10.04
N LEU A 121 -30.01 5.56 9.70
CA LEU A 121 -29.88 6.99 9.38
C LEU A 121 -30.05 7.30 7.89
N GLY A 122 -30.38 6.29 7.10
CA GLY A 122 -30.59 6.46 5.66
C GLY A 122 -29.30 6.54 4.86
N ILE A 123 -28.21 6.00 5.40
CA ILE A 123 -26.91 6.09 4.76
C ILE A 123 -26.41 4.70 4.40
N PRO A 124 -26.35 4.38 3.10
CA PRO A 124 -25.83 3.08 2.69
C PRO A 124 -24.38 2.90 3.10
N ALA A 125 -24.03 1.67 3.44
CA ALA A 125 -22.67 1.32 3.82
C ALA A 125 -22.30 -0.03 3.22
N VAL A 126 -21.07 -0.13 2.71
CA VAL A 126 -20.55 -1.36 2.15
C VAL A 126 -19.34 -1.79 2.92
N SER A 127 -19.29 -3.09 3.23
CA SER A 127 -18.23 -3.63 4.05
C SER A 127 -17.18 -4.27 3.16
N ILE A 128 -15.92 -3.97 3.43
CA ILE A 128 -14.81 -4.63 2.76
C ILE A 128 -13.95 -5.41 3.77
N LYS A 129 -12.92 -6.09 3.27
CA LYS A 129 -12.03 -6.94 4.07
C LYS A 129 -10.57 -6.52 3.97
N TYR A 130 -9.75 -7.03 4.89
CA TYR A 130 -8.30 -6.75 4.94
C TYR A 130 -7.48 -8.00 5.15
N GLY A 131 -6.23 -7.96 4.67
CA GLY A 131 -5.24 -9.00 4.96
C GLY A 131 -4.52 -9.52 3.73
N THR A 132 -5.19 -9.53 2.59
CA THR A 132 -4.72 -10.26 1.40
C THR A 132 -4.70 -9.39 0.15
N LEU A 133 -4.08 -9.93 -0.90
CA LEU A 133 -4.10 -9.26 -2.19
C LEU A 133 -5.43 -9.50 -2.94
N GLU A 134 -6.09 -10.62 -2.66
CA GLU A 134 -7.41 -10.91 -3.27
C GLU A 134 -8.49 -9.95 -2.76
N ASP A 135 -8.39 -9.58 -1.49
CA ASP A 135 -9.29 -8.57 -0.89
C ASP A 135 -9.20 -7.23 -1.61
N ILE A 136 -8.00 -6.84 -2.01
CA ILE A 136 -7.83 -5.62 -2.80
C ILE A 136 -8.61 -5.74 -4.14
N GLN A 137 -8.42 -6.85 -4.85
N GLN A 137 -8.42 -6.85 -4.85
CA GLN A 137 -9.08 -7.03 -6.15
CA GLN A 137 -9.09 -7.05 -6.15
C GLN A 137 -10.61 -7.07 -6.03
C GLN A 137 -10.62 -7.05 -6.02
N ASN A 138 -11.13 -7.83 -5.08
CA ASN A 138 -12.59 -7.89 -4.87
C ASN A 138 -13.16 -6.54 -4.46
N GLY A 139 -12.41 -5.81 -3.64
CA GLY A 139 -12.81 -4.45 -3.24
C GLY A 139 -12.83 -3.49 -4.42
N ILE A 140 -11.84 -3.61 -5.30
CA ILE A 140 -11.81 -2.78 -6.50
C ILE A 140 -13.04 -3.05 -7.39
N ARG A 141 -13.40 -4.31 -7.51
CA ARG A 141 -14.52 -4.71 -8.36
C ARG A 141 -15.82 -4.08 -7.81
N LEU A 142 -15.97 -4.18 -6.49
CA LEU A 142 -17.08 -3.55 -5.79
C LEU A 142 -17.12 -2.04 -6.03
N LEU A 143 -15.98 -1.36 -5.88
CA LEU A 143 -15.91 0.07 -6.15
C LEU A 143 -16.33 0.41 -7.59
N GLY A 144 -15.95 -0.43 -8.53
CA GLY A 144 -16.34 -0.26 -9.92
C GLY A 144 -17.85 -0.23 -10.11
N LYS A 145 -18.56 -1.07 -9.35
CA LYS A 145 -20.02 -1.12 -9.41
C LYS A 145 -20.62 0.10 -8.71
N ILE A 146 -20.05 0.48 -7.59
CA ILE A 146 -20.52 1.67 -6.85
C ILE A 146 -20.35 2.94 -7.68
N LEU A 147 -19.17 3.10 -8.27
CA LEU A 147 -18.80 4.29 -9.01
C LEU A 147 -19.23 4.29 -10.48
N ASP A 148 -19.84 3.19 -10.94
CA ASP A 148 -20.09 2.96 -12.37
C ASP A 148 -18.84 3.18 -13.23
N LYS A 149 -17.75 2.56 -12.79
CA LYS A 149 -16.50 2.57 -13.54
C LYS A 149 -15.99 1.13 -13.69
N PRO A 150 -16.79 0.25 -14.31
CA PRO A 150 -16.37 -1.16 -14.35
C PRO A 150 -15.15 -1.41 -15.23
N GLU A 151 -14.99 -0.62 -16.27
CA GLU A 151 -13.83 -0.80 -17.15
C GLU A 151 -12.54 -0.46 -16.43
N GLN A 152 -12.49 0.67 -15.71
CA GLN A 152 -11.28 1.03 -14.97
C GLN A 152 -11.02 0.01 -13.87
N ALA A 153 -12.08 -0.44 -13.18
CA ALA A 153 -11.92 -1.43 -12.12
C ALA A 153 -11.35 -2.73 -12.68
N GLU A 154 -11.94 -3.21 -13.77
CA GLU A 154 -11.42 -4.44 -14.39
C GLU A 154 -10.01 -4.24 -14.97
N ALA A 155 -9.70 -3.06 -15.48
CA ALA A 155 -8.33 -2.81 -15.97
C ALA A 155 -7.31 -2.88 -14.82
N LEU A 156 -7.67 -2.36 -13.66
CA LEU A 156 -6.83 -2.45 -12.46
C LEU A 156 -6.68 -3.91 -12.00
N ILE A 157 -7.78 -4.65 -12.01
CA ILE A 157 -7.74 -6.04 -11.56
C ILE A 157 -6.90 -6.88 -12.53
N SER A 158 -7.08 -6.65 -13.83
CA SER A 158 -6.29 -7.34 -14.85
C SER A 158 -4.80 -7.04 -14.72
N TYR A 159 -4.49 -5.80 -14.39
CA TYR A 159 -3.11 -5.38 -14.16
C TYR A 159 -2.50 -6.19 -13.00
N HIS A 160 -3.24 -6.29 -11.90
CA HIS A 160 -2.80 -7.11 -10.75
C HIS A 160 -2.69 -8.59 -11.11
N LYS A 161 -3.70 -9.12 -11.79
CA LYS A 161 -3.67 -10.54 -12.17
C LYS A 161 -2.52 -10.86 -13.14
N ASP A 162 -2.27 -9.98 -14.10
CA ASP A 162 -1.16 -10.17 -15.06
C ASP A 162 0.19 -10.14 -14.31
N SER A 163 0.31 -9.23 -13.35
CA SER A 163 1.52 -9.15 -12.51
C SER A 163 1.70 -10.44 -11.68
N GLU A 164 0.63 -10.90 -11.05
CA GLU A 164 0.68 -12.15 -10.28
C GLU A 164 1.13 -13.32 -11.16
N ALA A 165 0.55 -13.43 -12.35
CA ALA A 165 0.92 -14.50 -13.29
C ALA A 165 2.38 -14.39 -13.70
N TYR A 166 2.85 -13.17 -13.96
CA TYR A 166 4.27 -12.96 -14.31
C TYR A 166 5.20 -13.46 -13.21
N PHE A 167 4.94 -13.08 -11.97
CA PHE A 167 5.77 -13.55 -10.85
C PHE A 167 5.63 -15.05 -10.58
N LYS A 168 4.44 -15.62 -10.78
CA LYS A 168 4.32 -17.08 -10.63
C LYS A 168 5.14 -17.80 -11.67
N GLN A 169 5.18 -17.25 -12.89
CA GLN A 169 5.84 -17.94 -13.99
C GLN A 169 7.35 -17.84 -13.78
N LYS A 170 7.83 -16.67 -13.38
CA LYS A 170 9.25 -16.53 -13.07
C LYS A 170 9.67 -17.48 -11.95
N ASN A 171 8.78 -17.73 -11.00
CA ASN A 171 9.00 -18.72 -9.96
C ASN A 171 10.35 -18.58 -9.24
N ALA A 172 10.67 -17.35 -8.84
CA ALA A 172 11.95 -17.04 -8.19
C ALA A 172 12.12 -17.70 -6.84
N SER A 173 11.02 -18.11 -6.19
CA SER A 173 11.12 -18.76 -4.88
C SER A 173 11.79 -20.12 -4.99
N ALA A 174 11.86 -20.67 -6.19
CA ALA A 174 12.46 -21.96 -6.43
C ALA A 174 13.97 -21.89 -6.62
N LEU A 175 14.53 -20.68 -6.76
CA LEU A 175 15.96 -20.54 -7.01
C LEU A 175 16.79 -20.96 -5.79
N PRO A 176 17.98 -21.49 -6.05
CA PRO A 176 18.90 -21.82 -4.97
C PRO A 176 19.73 -20.61 -4.54
N ASN A 177 20.32 -20.67 -3.35
N ASN A 177 20.27 -20.66 -3.33
CA ASN A 177 21.21 -19.60 -2.83
CA ASN A 177 21.17 -19.62 -2.81
C ASN A 177 20.62 -18.16 -2.82
C ASN A 177 20.61 -18.19 -2.86
N LYS A 178 19.39 -18.02 -2.35
CA LYS A 178 18.70 -16.73 -2.35
C LYS A 178 19.32 -15.73 -1.37
N PRO A 179 19.34 -14.42 -1.71
CA PRO A 179 19.82 -13.43 -0.75
C PRO A 179 18.92 -13.38 0.48
N LYS A 180 19.51 -13.22 1.66
CA LYS A 180 18.75 -13.08 2.90
C LYS A 180 18.32 -11.63 3.09
N VAL A 181 17.02 -11.43 3.26
CA VAL A 181 16.42 -10.09 3.28
C VAL A 181 15.70 -9.84 4.60
N LEU A 182 15.98 -8.69 5.18
CA LEU A 182 15.34 -8.22 6.43
C LEU A 182 14.49 -7.00 6.09
N TYR A 183 13.22 -7.02 6.48
CA TYR A 183 12.35 -5.86 6.33
C TYR A 183 12.24 -5.20 7.70
N LEU A 184 12.98 -4.10 7.87
CA LEU A 184 13.07 -3.39 9.13
C LEU A 184 12.03 -2.26 9.17
N GLN A 185 11.16 -2.27 10.18
CA GLN A 185 10.09 -1.28 10.26
C GLN A 185 10.58 0.10 10.71
N ASN A 186 11.45 0.13 11.71
CA ASN A 186 11.74 1.37 12.43
C ASN A 186 13.11 1.37 13.12
N LYS A 187 13.32 2.36 13.99
CA LYS A 187 14.58 2.52 14.73
C LYS A 187 14.59 1.75 16.05
N ASN A 188 13.59 0.90 16.27
CA ASN A 188 13.42 0.18 17.52
C ASN A 188 13.42 -1.34 17.31
N LEU A 189 14.19 -1.80 16.32
CA LEU A 189 14.44 -3.22 16.11
C LEU A 189 13.17 -4.06 15.87
N THR A 190 12.18 -3.43 15.25
CA THR A 190 10.95 -4.11 14.87
C THR A 190 11.04 -4.49 13.40
N VAL A 191 10.76 -5.77 13.12
CA VAL A 191 10.95 -6.34 11.80
C VAL A 191 9.68 -7.05 11.35
N ALA A 192 9.56 -7.27 10.05
CA ALA A 192 8.45 -8.01 9.48
C ALA A 192 8.60 -9.50 9.80
N GLY A 193 7.59 -10.07 10.43
CA GLY A 193 7.60 -11.48 10.85
C GLY A 193 6.91 -12.38 9.83
N ASN A 194 6.83 -13.66 10.14
CA ASN A 194 6.35 -14.64 9.16
C ASN A 194 4.83 -14.66 8.92
N ASN A 195 4.09 -13.81 9.61
CA ASN A 195 2.67 -13.58 9.27
C ASN A 195 2.46 -12.34 8.40
N SER A 196 3.54 -11.63 8.07
CA SER A 196 3.41 -10.41 7.25
C SER A 196 3.35 -10.71 5.76
N VAL A 197 2.62 -9.88 5.03
CA VAL A 197 2.64 -9.91 3.57
C VAL A 197 4.06 -9.61 3.05
N ASN A 198 4.83 -8.83 3.81
CA ASN A 198 6.21 -8.51 3.41
C ASN A 198 7.07 -9.77 3.23
N GLN A 199 6.88 -10.78 4.08
CA GLN A 199 7.63 -12.03 3.93
C GLN A 199 7.17 -12.81 2.70
N LEU A 200 5.87 -12.78 2.41
CA LEU A 200 5.35 -13.37 1.18
C LEU A 200 5.97 -12.68 -0.03
N MSE A 201 6.10 -11.35 0.03
CA MSE A 201 6.66 -10.58 -1.11
C MSE A 201 8.13 -10.90 -1.27
O MSE A 201 8.63 -11.06 -2.39
CB MSE A 201 6.39 -9.06 -0.95
CG MSE A 201 4.93 -8.74 -1.28
SE MSE A 201 4.66 -6.80 -1.52
CE MSE A 201 5.04 -6.57 0.40
N ILE A 202 8.85 -11.02 -0.16
CA ILE A 202 10.27 -11.41 -0.22
C ILE A 202 10.43 -12.79 -0.89
N THR A 203 9.59 -13.74 -0.49
CA THR A 203 9.64 -15.10 -1.04
C THR A 203 9.31 -15.08 -2.52
N MSE A 204 8.25 -14.36 -2.91
CA MSE A 204 7.82 -14.36 -4.31
C MSE A 204 8.87 -13.75 -5.21
O MSE A 204 8.95 -14.10 -6.39
CB MSE A 204 6.49 -13.65 -4.45
CG MSE A 204 5.94 -13.65 -5.88
SE MSE A 204 5.47 -15.48 -6.51
CE MSE A 204 3.90 -15.83 -5.38
N THR A 205 9.68 -12.83 -4.68
CA THR A 205 10.72 -12.18 -5.48
C THR A 205 12.11 -12.80 -5.32
N GLY A 206 12.17 -14.00 -4.74
CA GLY A 206 13.39 -14.80 -4.74
C GLY A 206 14.38 -14.53 -3.61
N GLY A 207 13.87 -14.02 -2.49
CA GLY A 207 14.70 -13.82 -1.32
C GLY A 207 14.40 -14.84 -0.23
N GLU A 208 15.35 -14.98 0.69
CA GLU A 208 15.12 -15.74 1.91
C GLU A 208 14.80 -14.73 2.99
N ASN A 209 13.77 -15.01 3.78
CA ASN A 209 13.44 -14.17 4.92
C ASN A 209 14.39 -14.35 6.09
N ALA A 210 15.16 -13.32 6.40
CA ALA A 210 16.03 -13.32 7.59
C ALA A 210 15.24 -13.64 8.86
N ALA A 211 14.02 -13.10 8.95
CA ALA A 211 13.15 -13.27 10.14
C ALA A 211 12.10 -14.39 9.97
N LYS A 212 12.42 -15.36 9.13
CA LYS A 212 11.59 -16.53 8.84
C LYS A 212 11.00 -17.22 10.07
N ASP A 213 11.79 -17.29 11.14
CA ASP A 213 11.36 -17.99 12.35
C ASP A 213 10.81 -17.05 13.43
N THR A 214 10.56 -15.79 13.08
CA THR A 214 9.95 -14.81 13.98
C THR A 214 8.46 -14.67 13.64
N LYS A 215 7.59 -14.89 14.63
CA LYS A 215 6.14 -14.89 14.42
C LYS A 215 5.60 -13.46 14.39
N GLY A 216 4.38 -13.30 13.88
CA GLY A 216 3.69 -12.00 13.91
C GLY A 216 3.85 -11.22 12.62
N SER A 217 3.16 -10.08 12.50
CA SER A 217 3.30 -9.24 11.31
C SER A 217 4.49 -8.28 11.44
N TRP A 218 4.50 -7.48 12.52
CA TRP A 218 5.62 -6.64 12.90
C TRP A 218 6.04 -7.00 14.33
N THR A 219 7.28 -7.41 14.51
CA THR A 219 7.73 -7.99 15.78
C THR A 219 9.10 -7.47 16.21
N LYS A 220 9.21 -7.10 17.48
CA LYS A 220 10.47 -6.61 18.02
C LYS A 220 11.42 -7.78 18.29
N VAL A 221 12.68 -7.63 17.87
CA VAL A 221 13.72 -8.64 18.08
C VAL A 221 14.97 -7.97 18.68
N SER A 222 15.98 -8.77 18.99
CA SER A 222 17.24 -8.26 19.55
C SER A 222 18.26 -7.95 18.44
N MSE A 223 19.17 -7.02 18.73
CA MSE A 223 20.28 -6.74 17.81
C MSE A 223 21.11 -7.99 17.64
O MSE A 223 21.66 -8.22 16.56
CB MSE A 223 21.12 -5.57 18.33
CG MSE A 223 22.20 -5.11 17.35
SE MSE A 223 21.40 -4.18 15.81
CE MSE A 223 22.45 -5.01 14.38
N GLU A 224 21.21 -8.81 18.68
CA GLU A 224 21.98 -10.05 18.59
C GLU A 224 21.38 -11.03 17.56
N GLU A 225 20.06 -11.17 17.54
CA GLU A 225 19.37 -12.00 16.53
C GLU A 225 19.69 -11.52 15.11
N ILE A 226 19.63 -10.21 14.90
CA ILE A 226 19.89 -9.63 13.58
C ILE A 226 21.35 -9.85 13.16
N MSE A 227 22.28 -9.74 14.11
CA MSE A 227 23.69 -9.99 13.83
C MSE A 227 23.88 -11.44 13.40
O MSE A 227 24.61 -11.72 12.45
CB MSE A 227 24.55 -9.64 15.05
CG MSE A 227 24.60 -8.13 15.26
SE MSE A 227 25.45 -7.69 17.00
CE MSE A 227 27.31 -8.15 16.50
N THR A 228 23.18 -12.35 14.08
CA THR A 228 23.23 -13.77 13.73
C THR A 228 22.68 -14.06 12.32
N TRP A 229 21.51 -13.49 12.01
CA TRP A 229 20.91 -13.64 10.68
C TRP A 229 21.87 -13.13 9.61
N ASP A 230 22.45 -11.95 9.87
CA ASP A 230 23.40 -11.31 8.94
C ASP A 230 22.79 -11.16 7.53
N PRO A 231 21.71 -10.37 7.41
CA PRO A 231 21.06 -10.24 6.12
C PRO A 231 21.95 -9.60 5.06
N ASP A 232 21.75 -10.04 3.81
CA ASP A 232 22.42 -9.49 2.63
C ASP A 232 21.78 -8.18 2.15
N ILE A 233 20.49 -8.04 2.38
CA ILE A 233 19.70 -6.89 1.93
C ILE A 233 18.79 -6.46 3.08
N ILE A 234 18.67 -5.15 3.30
CA ILE A 234 17.75 -4.61 4.31
C ILE A 234 16.85 -3.61 3.60
N ILE A 235 15.53 -3.79 3.76
CA ILE A 235 14.55 -2.85 3.25
C ILE A 235 13.97 -2.13 4.47
N LEU A 236 13.91 -0.80 4.39
CA LEU A 236 13.40 0.04 5.47
C LEU A 236 11.98 0.46 5.14
N SER A 237 11.05 0.31 6.08
CA SER A 237 9.67 0.65 5.82
C SER A 237 9.41 2.16 5.85
N ASN A 238 8.21 2.55 5.40
CA ASN A 238 7.73 3.95 5.48
C ASN A 238 6.86 4.23 6.71
N PHE A 239 6.85 3.31 7.67
CA PHE A 239 6.17 3.56 8.96
C PHE A 239 6.95 4.51 9.86
N ASP A 240 8.19 4.82 9.46
CA ASP A 240 9.16 5.48 10.32
C ASP A 240 10.07 6.31 9.45
N SER A 241 10.72 7.32 10.03
CA SER A 241 11.63 8.19 9.28
C SER A 241 12.97 7.55 8.91
N ILE A 242 13.25 6.34 9.41
CA ILE A 242 14.56 5.72 9.23
C ILE A 242 14.98 5.68 7.74
N ARG A 243 16.22 6.06 7.49
CA ARG A 243 16.77 6.07 6.14
C ARG A 243 18.10 5.35 6.12
N PRO A 244 18.62 4.99 4.93
CA PRO A 244 19.85 4.19 4.90
C PRO A 244 21.07 4.80 5.63
N ASP A 245 21.30 6.10 5.48
N ASP A 245 21.26 6.11 5.49
CA ASP A 245 22.43 6.73 6.16
CA ASP A 245 22.35 6.84 6.15
C ASP A 245 22.35 6.64 7.70
C ASP A 245 22.34 6.64 7.67
N ASP A 246 21.14 6.47 8.24
CA ASP A 246 20.99 6.23 9.70
C ASP A 246 21.64 4.91 10.16
N ILE A 247 21.57 3.91 9.28
CA ILE A 247 22.21 2.62 9.52
C ILE A 247 23.71 2.71 9.19
N TYR A 248 24.05 3.25 8.02
CA TYR A 248 25.45 3.34 7.60
C TYR A 248 26.32 4.11 8.60
N GLN A 249 25.77 5.17 9.19
CA GLN A 249 26.49 6.00 10.14
C GLN A 249 26.19 5.68 11.62
N ASP A 250 25.55 4.54 11.87
CA ASP A 250 25.22 4.07 13.21
C ASP A 250 24.70 5.19 14.10
N LYS A 251 23.60 5.78 13.65
CA LYS A 251 22.93 6.83 14.40
C LYS A 251 21.97 6.29 15.45
N LEU A 252 21.75 4.98 15.47
CA LEU A 252 20.69 4.39 16.33
C LEU A 252 21.26 3.85 17.64
N GLU A 253 20.80 4.44 18.75
CA GLU A 253 21.29 4.08 20.09
C GLU A 253 21.08 2.62 20.42
N GLY A 254 22.11 1.99 20.99
CA GLY A 254 22.06 0.57 21.37
C GLY A 254 22.20 -0.43 20.24
N GLN A 255 22.50 0.05 19.03
CA GLN A 255 22.56 -0.82 17.86
C GLN A 255 23.87 -0.61 17.13
N ASN A 256 24.49 -1.72 16.76
CA ASN A 256 25.70 -1.70 15.97
C ASN A 256 25.44 -2.51 14.70
N TRP A 257 25.22 -1.79 13.61
CA TRP A 257 24.92 -2.38 12.31
C TRP A 257 26.18 -2.59 11.45
N SER A 258 27.35 -2.14 11.94
CA SER A 258 28.54 -1.99 11.07
C SER A 258 29.11 -3.28 10.46
N ASN A 259 28.85 -4.42 11.09
CA ASN A 259 29.41 -5.69 10.65
C ASN A 259 28.40 -6.58 9.91
N ILE A 260 27.22 -6.03 9.59
CA ILE A 260 26.18 -6.76 8.88
C ILE A 260 26.48 -6.68 7.38
N LYS A 261 26.36 -7.81 6.67
CA LYS A 261 26.67 -7.87 5.22
C LYS A 261 25.96 -6.76 4.42
N ALA A 262 24.66 -6.60 4.61
CA ALA A 262 23.89 -5.55 3.92
C ALA A 262 24.48 -4.17 4.14
N VAL A 263 25.05 -3.93 5.32
CA VAL A 263 25.59 -2.63 5.68
C VAL A 263 26.97 -2.45 5.05
N LYS A 264 27.82 -3.47 5.15
CA LYS A 264 29.16 -3.42 4.56
C LYS A 264 29.14 -3.29 3.04
N THR A 265 28.14 -3.91 2.41
CA THR A 265 27.99 -3.88 0.95
C THR A 265 27.01 -2.81 0.45
N HIS A 266 26.51 -1.96 1.36
CA HIS A 266 25.64 -0.83 1.01
C HIS A 266 24.39 -1.28 0.25
N ARG A 267 23.70 -2.24 0.85
CA ARG A 267 22.46 -2.78 0.33
C ARG A 267 21.33 -2.58 1.35
N VAL A 268 21.25 -1.36 1.86
CA VAL A 268 20.15 -0.90 2.74
C VAL A 268 19.32 0.10 1.95
N TYR A 269 18.05 -0.23 1.77
CA TYR A 269 17.17 0.50 0.87
C TYR A 269 15.88 0.94 1.53
N LYS A 270 15.52 2.21 1.38
CA LYS A 270 14.20 2.69 1.79
C LYS A 270 13.10 2.28 0.79
N ALA A 271 12.05 1.65 1.29
CA ALA A 271 10.95 1.23 0.42
C ALA A 271 10.33 2.44 -0.29
N PRO A 272 9.98 2.27 -1.56
CA PRO A 272 9.26 3.36 -2.23
C PRO A 272 7.86 3.62 -1.67
N MSE A 273 7.34 4.79 -2.01
CA MSE A 273 5.97 5.16 -1.70
C MSE A 273 5.40 5.95 -2.83
O MSE A 273 5.95 6.98 -3.22
CB MSE A 273 5.96 5.94 -0.40
CG MSE A 273 4.60 6.58 -0.18
SE MSE A 273 4.51 7.10 1.69
CE MSE A 273 5.16 8.92 1.38
N GLY A 274 4.28 5.48 -3.38
CA GLY A 274 3.56 6.17 -4.42
C GLY A 274 2.39 6.89 -3.78
N ILE A 275 1.18 6.52 -4.20
N ILE A 275 1.15 6.62 -4.20
CA ILE A 275 -0.04 7.17 -3.76
CA ILE A 275 0.02 7.37 -3.62
C ILE A 275 -0.30 6.87 -2.28
C ILE A 275 -0.36 6.86 -2.23
N TYR A 276 0.21 5.73 -1.82
CA TYR A 276 0.10 5.25 -0.45
C TYR A 276 1.38 4.44 -0.25
N ARG A 277 1.73 4.12 0.98
CA ARG A 277 2.94 3.34 1.16
C ARG A 277 2.78 1.94 0.54
N TRP A 278 3.89 1.41 0.07
CA TRP A 278 3.91 0.17 -0.66
C TRP A 278 4.23 -1.02 0.25
N ASP A 279 4.30 -0.76 1.57
CA ASP A 279 4.69 -1.73 2.59
C ASP A 279 3.63 -2.79 2.87
N ALA A 280 2.39 -2.54 2.44
CA ALA A 280 1.29 -3.48 2.57
C ALA A 280 0.39 -3.41 1.32
N PRO A 281 -0.55 -4.35 1.18
CA PRO A 281 -1.37 -4.38 -0.04
C PRO A 281 -2.07 -3.05 -0.37
N ASN A 282 -1.99 -2.69 -1.66
CA ASN A 282 -2.55 -1.44 -2.21
C ASN A 282 -2.64 -1.53 -3.75
N VAL A 283 -3.14 -0.49 -4.38
CA VAL A 283 -3.42 -0.51 -5.83
C VAL A 283 -2.11 -0.57 -6.68
N GLU A 284 -1.03 -0.07 -6.11
CA GLU A 284 0.28 -0.04 -6.76
C GLU A 284 1.21 -1.23 -6.37
N THR A 285 0.69 -2.20 -5.64
CA THR A 285 1.51 -3.36 -5.22
C THR A 285 2.32 -4.02 -6.34
N PRO A 286 1.75 -4.17 -7.55
CA PRO A 286 2.59 -4.74 -8.62
C PRO A 286 3.88 -3.96 -8.91
N LEU A 287 3.85 -2.65 -8.70
CA LEU A 287 5.06 -1.82 -8.89
C LEU A 287 6.08 -2.08 -7.76
N MSE A 288 5.58 -2.27 -6.55
CA MSE A 288 6.43 -2.66 -5.43
C MSE A 288 7.10 -3.99 -5.69
O MSE A 288 8.29 -4.15 -5.42
CB MSE A 288 5.61 -2.71 -4.16
CG MSE A 288 6.39 -3.26 -2.97
SE MSE A 288 8.01 -2.21 -2.57
CE MSE A 288 8.07 -2.58 -0.64
N MSE A 289 6.37 -4.95 -6.25
CA MSE A 289 6.92 -6.28 -6.54
C MSE A 289 8.04 -6.17 -7.58
O MSE A 289 9.08 -6.83 -7.48
CB MSE A 289 5.82 -7.20 -7.04
CG MSE A 289 4.81 -7.45 -5.95
SE MSE A 289 5.49 -8.83 -4.75
CE MSE A 289 3.79 -9.81 -4.88
N LYS A 290 7.83 -5.29 -8.55
CA LYS A 290 8.84 -5.05 -9.57
C LYS A 290 10.12 -4.41 -9.02
N TRP A 291 9.97 -3.47 -8.09
CA TRP A 291 11.11 -2.87 -7.42
C TRP A 291 11.90 -3.94 -6.65
N MSE A 292 11.21 -4.75 -5.85
N MSE A 292 11.20 -4.72 -5.83
CA MSE A 292 11.86 -5.76 -5.02
CA MSE A 292 11.81 -5.79 -5.02
C MSE A 292 12.54 -6.81 -5.88
C MSE A 292 12.53 -6.79 -5.87
O MSE A 292 13.67 -7.22 -5.59
O MSE A 292 13.66 -7.18 -5.57
CB MSE A 292 10.83 -6.46 -4.12
CB MSE A 292 10.74 -6.53 -4.23
CG MSE A 292 10.32 -5.47 -3.09
CG MSE A 292 10.11 -5.65 -3.16
SE MSE A 292 9.09 -6.38 -1.88
SE MSE A 292 11.32 -5.53 -1.62
CE MSE A 292 10.35 -7.77 -1.31
CE MSE A 292 10.60 -7.06 -0.59
N GLY A 293 11.87 -7.23 -6.94
CA GLY A 293 12.45 -8.23 -7.86
C GLY A 293 13.80 -7.81 -8.41
N GLN A 294 13.88 -6.55 -8.81
CA GLN A 294 15.14 -6.07 -9.37
C GLN A 294 16.23 -5.84 -8.32
N LEU A 295 15.86 -5.65 -7.05
CA LEU A 295 16.84 -5.61 -5.97
C LEU A 295 17.36 -7.01 -5.67
N ILE A 296 16.45 -7.99 -5.61
CA ILE A 296 16.78 -9.29 -5.04
C ILE A 296 17.32 -10.28 -6.10
N GLN A 297 16.63 -10.37 -7.24
CA GLN A 297 17.04 -11.26 -8.33
C GLN A 297 17.03 -10.52 -9.68
N PRO A 298 17.94 -9.55 -9.85
CA PRO A 298 17.94 -8.76 -11.08
C PRO A 298 18.14 -9.58 -12.37
N ASP A 299 18.86 -10.70 -12.29
CA ASP A 299 19.11 -11.53 -13.47
C ASP A 299 17.83 -12.25 -13.93
N THR A 300 16.92 -12.53 -13.00
CA THR A 300 15.62 -13.12 -13.30
C THR A 300 14.65 -12.05 -13.80
N PHE A 301 14.58 -10.93 -13.09
CA PHE A 301 13.60 -9.89 -13.38
C PHE A 301 14.22 -8.80 -14.27
N ASN A 302 14.60 -9.20 -15.48
CA ASN A 302 15.39 -8.36 -16.37
C ASN A 302 14.67 -7.98 -17.65
N ASP A 303 13.35 -8.10 -17.65
CA ASP A 303 12.57 -7.91 -18.87
C ASP A 303 11.49 -6.83 -18.72
N TYR A 304 11.72 -5.92 -17.78
CA TYR A 304 10.93 -4.71 -17.62
C TYR A 304 11.79 -3.56 -17.12
N ILE A 305 11.32 -2.35 -17.38
CA ILE A 305 11.94 -1.13 -16.87
C ILE A 305 10.93 -0.48 -15.93
N LEU A 306 11.27 -0.46 -14.63
CA LEU A 306 10.34 -0.05 -13.59
C LEU A 306 9.85 1.38 -13.82
N ARG A 307 10.77 2.29 -14.17
CA ARG A 307 10.43 3.69 -14.40
C ARG A 307 9.34 3.82 -15.47
N ASP A 308 9.47 3.06 -16.56
CA ASP A 308 8.48 3.08 -17.63
C ASP A 308 7.13 2.54 -17.16
N ASP A 309 7.16 1.47 -16.39
CA ASP A 309 5.93 0.85 -15.92
C ASP A 309 5.23 1.79 -14.92
N LEU A 310 6.01 2.48 -14.09
CA LEU A 310 5.46 3.47 -13.16
C LEU A 310 4.80 4.62 -13.95
N LYS A 311 5.51 5.17 -14.94
N LYS A 311 5.51 5.17 -14.94
CA LYS A 311 4.94 6.24 -15.77
CA LYS A 311 4.94 6.25 -15.76
C LYS A 311 3.66 5.79 -16.46
C LYS A 311 3.67 5.81 -16.50
N GLN A 312 3.69 4.58 -17.02
CA GLN A 312 2.53 4.04 -17.71
C GLN A 312 1.33 3.93 -16.78
N PHE A 313 1.57 3.40 -15.57
CA PHE A 313 0.49 3.24 -14.58
C PHE A 313 -0.14 4.59 -14.22
N TYR A 314 0.68 5.59 -13.90
CA TYR A 314 0.17 6.91 -13.51
C TYR A 314 -0.56 7.57 -14.68
N ASN A 315 -0.03 7.43 -15.89
CA ASN A 315 -0.70 7.99 -17.07
C ASN A 315 -2.05 7.32 -17.33
N THR A 316 -2.08 5.99 -17.25
CA THR A 316 -3.29 5.21 -17.61
C THR A 316 -4.40 5.41 -16.60
N PHE A 317 -4.06 5.30 -15.34
CA PHE A 317 -5.07 5.26 -14.29
C PHE A 317 -5.37 6.63 -13.64
N TYR A 318 -4.37 7.50 -13.57
CA TYR A 318 -4.53 8.78 -12.90
C TYR A 318 -4.50 9.97 -13.87
N HIS A 319 -4.21 9.73 -15.15
CA HIS A 319 -4.06 10.79 -16.15
C HIS A 319 -3.04 11.82 -15.67
N TYR A 320 -1.93 11.31 -15.15
CA TYR A 320 -0.88 12.16 -14.62
C TYR A 320 0.45 11.66 -15.18
N ASN A 321 1.21 12.58 -15.75
CA ASN A 321 2.53 12.26 -16.31
C ASN A 321 3.65 12.70 -15.38
N LEU A 322 4.23 11.72 -14.71
CA LEU A 322 5.32 11.92 -13.77
C LEU A 322 6.58 12.51 -14.40
N THR A 323 7.17 13.50 -13.72
CA THR A 323 8.49 14.01 -14.10
C THR A 323 9.56 13.11 -13.53
N ASP A 324 10.79 13.26 -14.02
CA ASP A 324 11.93 12.57 -13.43
C ASP A 324 12.13 12.84 -11.94
N SER A 325 11.94 14.10 -11.52
N SER A 325 11.93 14.10 -11.51
CA SER A 325 12.06 14.44 -10.09
CA SER A 325 12.08 14.43 -10.09
C SER A 325 11.04 13.67 -9.26
C SER A 325 11.02 13.73 -9.22
N GLU A 326 9.79 13.62 -9.73
CA GLU A 326 8.74 12.91 -9.00
C GLU A 326 9.04 11.41 -8.91
N ILE A 327 9.57 10.84 -9.99
CA ILE A 327 9.95 9.43 -9.98
C ILE A 327 11.10 9.18 -8.98
N ASN A 328 12.05 10.11 -8.92
CA ASN A 328 13.16 9.99 -7.96
C ASN A 328 12.60 9.94 -6.52
N THR A 329 11.64 10.81 -6.24
CA THR A 329 11.03 10.86 -4.92
C THR A 329 10.25 9.58 -4.59
N ILE A 330 9.39 9.14 -5.52
CA ILE A 330 8.61 7.92 -5.32
C ILE A 330 9.52 6.71 -5.06
N LEU A 331 10.56 6.55 -5.87
CA LEU A 331 11.39 5.35 -5.81
C LEU A 331 12.64 5.51 -4.93
N ASN A 332 12.81 6.67 -4.28
CA ASN A 332 13.96 6.91 -3.40
C ASN A 332 15.29 6.67 -4.12
N ILE A 333 15.39 7.15 -5.36
CA ILE A 333 16.55 6.86 -6.21
C ILE A 333 17.81 7.48 -5.63
N SER A 334 17.75 8.76 -5.25
CA SER A 334 18.90 9.43 -4.63
C SER A 334 19.16 8.90 -3.24
N ILE A 335 18.10 8.74 -2.46
CA ILE A 335 18.20 8.24 -1.09
C ILE A 335 18.86 6.86 -1.04
N ASN A 336 18.49 6.00 -1.97
CA ASN A 336 18.98 4.62 -2.01
C ASN A 336 20.23 4.40 -2.87
N ASN A 337 20.67 5.45 -3.57
CA ASN A 337 21.76 5.33 -4.54
C ASN A 337 21.53 4.14 -5.48
N THR A 338 20.37 4.15 -6.13
CA THR A 338 20.00 3.13 -7.13
C THR A 338 19.73 3.81 -8.46
N PRO A 339 20.81 4.27 -9.12
CA PRO A 339 20.59 5.10 -10.33
C PRO A 339 20.06 4.35 -11.55
N THR A 340 20.00 3.02 -11.50
CA THR A 340 19.54 2.24 -12.64
C THR A 340 18.02 2.19 -12.70
N PHE A 341 17.35 2.62 -11.64
CA PHE A 341 15.91 2.77 -11.69
C PHE A 341 15.56 4.10 -12.39
C1 PGE B . 1.10 -5.72 -16.18
O1 PGE B . 0.95 -5.99 -14.77
C2 PGE B . 2.39 -6.36 -16.67
O2 PGE B . 2.61 -7.58 -15.93
C3 PGE B . 3.95 -7.78 -15.52
C4 PGE B . 4.82 -8.08 -16.73
O4 PGE B . 7.10 -8.70 -19.70
C6 PGE B . 7.02 -7.48 -18.96
C5 PGE B . 7.06 -7.76 -17.46
O3 PGE B . 5.94 -7.19 -16.78
#